data_5TN4
#
_entry.id   5TN4
#
_cell.length_a   54.359
_cell.length_b   82.230
_cell.length_c   58.405
_cell.angle_alpha   90.00
_cell.angle_beta   110.86
_cell.angle_gamma   90.00
#
_symmetry.space_group_name_H-M   'P 1 21 1'
#
loop_
_entity.id
_entity.type
_entity.pdbx_description
1 polymer 'Estrogen receptor'
2 polymer 'Nuclear receptor coactivator 2'
3 non-polymer (1S)-5-(4-hydroxy-3,5-dimethylphenyl)-2,3-dihydro-1H-inden-1-ol
4 water water
#
loop_
_entity_poly.entity_id
_entity_poly.type
_entity_poly.pdbx_seq_one_letter_code
_entity_poly.pdbx_strand_id
1 'polypeptide(L)'
;IKRSKKNSLALSLTADQMVSALLDAEPPILYSEYDPTRPFSEASMMGLLTNLADRELVHMINWAKRVPGFVDLTLHDQVH
LLECAWLEILMIGLVWRSMEHPGKLLFAPNLLLDRNQGKCVEGMVEIFDMLLATSSRFRMMNLQGEEFVCLKSIILLNSG
VYTFLSSTLKSLEEKDHIHRVLDKITDTLIHLMAKAGLTLQQQHQRLAQLLLILSHIRHMSNKGMEHLYSMKCKNVVPLS
DLLLEMLDAHRLHAPTS
;
A,B
2 'polypeptide(L)' KHKILHRLLQDSS C,D
#
# COMPACT_ATOMS: atom_id res chain seq x y z
N SER A 8 23.04 -3.28 17.69
CA SER A 8 22.87 -3.01 16.26
C SER A 8 23.66 -1.79 15.83
N LEU A 9 24.55 -1.98 14.86
CA LEU A 9 25.40 -0.90 14.37
C LEU A 9 24.61 0.15 13.60
N ALA A 10 23.46 -0.22 13.04
CA ALA A 10 22.69 0.70 12.22
C ALA A 10 22.18 1.89 13.02
N LEU A 11 21.83 1.68 14.29
CA LEU A 11 21.25 2.77 15.07
C LEU A 11 22.30 3.82 15.46
N SER A 12 23.58 3.48 15.42
CA SER A 12 24.66 4.40 15.76
C SER A 12 25.11 5.27 14.58
N LEU A 13 24.62 5.00 13.37
CA LEU A 13 25.10 5.72 12.20
C LEU A 13 24.50 7.12 12.13
N THR A 14 25.31 8.07 11.69
CA THR A 14 24.74 9.37 11.34
C THR A 14 23.89 9.22 10.09
N ALA A 15 23.01 10.21 9.87
CA ALA A 15 22.23 10.26 8.64
C ALA A 15 23.12 10.16 7.41
N ASP A 16 24.23 10.91 7.40
CA ASP A 16 25.10 10.88 6.23
C ASP A 16 25.75 9.51 6.05
N GLN A 17 26.08 8.85 7.16
CA GLN A 17 26.66 7.52 7.09
C GLN A 17 25.63 6.51 6.58
N MET A 18 24.39 6.67 7.01
CA MET A 18 23.30 5.82 6.51
C MET A 18 23.14 5.97 5.00
N VAL A 19 23.13 7.20 4.52
CA VAL A 19 23.01 7.44 3.07
C VAL A 19 24.16 6.79 2.32
N SER A 20 25.38 6.99 2.83
CA SER A 20 26.55 6.42 2.17
C SER A 20 26.48 4.90 2.14
N ALA A 21 26.07 4.29 3.25
CA ALA A 21 25.95 2.83 3.30
C ALA A 21 24.93 2.32 2.30
N LEU A 22 23.77 2.99 2.22
CA LEU A 22 22.73 2.53 1.30
C LEU A 22 23.14 2.74 -0.15
N LEU A 23 23.75 3.89 -0.45
CA LEU A 23 24.24 4.10 -1.81
C LEU A 23 25.28 3.05 -2.17
N ASP A 24 26.17 2.72 -1.23
CA ASP A 24 27.21 1.74 -1.51
C ASP A 24 26.66 0.33 -1.69
N ALA A 25 25.52 0.02 -1.07
CA ALA A 25 24.87 -1.27 -1.13
C ALA A 25 24.15 -1.53 -2.46
N GLU A 26 24.03 -0.51 -3.30
CA GLU A 26 23.10 -0.58 -4.42
C GLU A 26 23.47 -1.72 -5.36
N PRO A 27 22.50 -2.52 -5.81
CA PRO A 27 22.81 -3.60 -6.76
C PRO A 27 23.09 -3.02 -8.13
N PRO A 28 23.66 -3.80 -9.04
CA PRO A 28 23.95 -3.29 -10.38
C PRO A 28 22.71 -3.33 -11.26
N ILE A 29 22.79 -2.62 -12.39
CA ILE A 29 21.75 -2.73 -13.40
C ILE A 29 22.15 -3.82 -14.39
N LEU A 30 21.31 -4.83 -14.51
CA LEU A 30 21.57 -6.02 -15.32
C LEU A 30 21.02 -5.80 -16.72
N TYR A 31 21.53 -6.59 -17.66
CA TYR A 31 21.01 -6.58 -19.02
C TYR A 31 20.07 -7.74 -19.25
N SER A 32 19.20 -7.54 -20.22
CA SER A 32 18.41 -8.60 -20.79
C SER A 32 19.27 -9.47 -21.71
N GLU A 33 18.82 -10.69 -21.91
CA GLU A 33 19.39 -11.51 -22.96
C GLU A 33 19.22 -10.76 -24.29
N TYR A 34 20.29 -10.72 -25.09
CA TYR A 34 20.32 -9.76 -26.20
C TYR A 34 19.51 -10.22 -27.40
N ASP A 35 18.30 -10.73 -27.15
CA ASP A 35 17.32 -11.07 -28.18
C ASP A 35 16.96 -9.83 -28.99
N PRO A 36 17.44 -9.69 -30.22
CA PRO A 36 17.14 -8.49 -31.01
C PRO A 36 15.84 -8.56 -31.80
N THR A 37 15.06 -9.63 -31.67
CA THR A 37 13.92 -9.89 -32.53
C THR A 37 12.73 -9.04 -32.07
N ARG A 38 12.34 -8.08 -32.89
CA ARG A 38 11.16 -7.27 -32.64
C ARG A 38 10.12 -7.53 -33.72
N PRO A 39 8.83 -7.52 -33.36
CA PRO A 39 8.37 -7.31 -31.98
C PRO A 39 8.49 -8.55 -31.12
N PHE A 40 8.12 -8.43 -29.86
CA PHE A 40 8.05 -9.57 -28.98
C PHE A 40 6.71 -10.30 -29.15
N SER A 41 6.72 -11.59 -28.85
CA SER A 41 5.51 -12.35 -28.60
C SER A 41 5.23 -12.35 -27.11
N GLU A 42 4.08 -12.90 -26.73
CA GLU A 42 3.79 -13.10 -25.31
C GLU A 42 4.87 -13.94 -24.66
N ALA A 43 5.20 -15.08 -25.27
CA ALA A 43 6.15 -15.99 -24.64
C ALA A 43 7.56 -15.40 -24.61
N SER A 44 7.97 -14.70 -25.67
CA SER A 44 9.30 -14.12 -25.68
C SER A 44 9.42 -12.99 -24.66
N MET A 45 8.43 -12.10 -24.57
CA MET A 45 8.52 -11.06 -23.57
C MET A 45 8.51 -11.64 -22.16
N MET A 46 7.63 -12.60 -21.90
CA MET A 46 7.59 -13.27 -20.60
C MET A 46 8.91 -13.94 -20.27
N GLY A 47 9.50 -14.63 -21.25
CA GLY A 47 10.80 -15.24 -21.05
C GLY A 47 11.84 -14.21 -20.63
N LEU A 48 11.90 -13.09 -21.36
CA LEU A 48 12.91 -12.08 -21.06
C LEU A 48 12.70 -11.48 -19.67
N LEU A 49 11.45 -11.21 -19.31
CA LEU A 49 11.18 -10.54 -18.05
C LEU A 49 11.41 -11.45 -16.86
N THR A 50 11.01 -12.72 -16.97
CA THR A 50 11.18 -13.63 -15.84
C THR A 50 12.66 -14.01 -15.67
N ASN A 51 13.38 -14.14 -16.77
CA ASN A 51 14.81 -14.42 -16.69
C ASN A 51 15.54 -13.26 -16.00
N LEU A 52 15.18 -12.04 -16.39
CA LEU A 52 15.73 -10.83 -15.78
C LEU A 52 15.35 -10.71 -14.31
N ALA A 53 14.07 -10.92 -13.99
CA ALA A 53 13.64 -10.84 -12.60
C ALA A 53 14.41 -11.84 -11.74
N ASP A 54 14.61 -13.06 -12.26
CA ASP A 54 15.29 -14.09 -11.49
C ASP A 54 16.73 -13.72 -11.19
N ARG A 55 17.45 -13.17 -12.18
CA ARG A 55 18.81 -12.73 -11.91
C ARG A 55 18.84 -11.51 -10.98
N GLU A 56 17.90 -10.59 -11.15
CA GLU A 56 17.84 -9.43 -10.24
C GLU A 56 17.56 -9.85 -8.80
N LEU A 57 16.79 -10.93 -8.61
CA LEU A 57 16.47 -11.37 -7.26
C LEU A 57 17.72 -11.78 -6.51
N VAL A 58 18.64 -12.46 -7.19
CA VAL A 58 19.88 -12.86 -6.53
C VAL A 58 20.64 -11.63 -6.05
N HIS A 59 20.70 -10.58 -6.87
CA HIS A 59 21.36 -9.36 -6.44
C HIS A 59 20.58 -8.66 -5.34
N MET A 60 19.26 -8.74 -5.37
CA MET A 60 18.46 -8.10 -4.31
C MET A 60 18.78 -8.73 -2.95
N ILE A 61 18.86 -10.05 -2.90
CA ILE A 61 19.12 -10.72 -1.64
C ILE A 61 20.46 -10.30 -1.07
N ASN A 62 21.44 -10.08 -1.94
CA ASN A 62 22.74 -9.65 -1.42
C ASN A 62 22.76 -8.17 -1.08
N TRP A 63 21.92 -7.37 -1.73
CA TRP A 63 21.76 -5.98 -1.33
C TRP A 63 21.12 -5.89 0.05
N ALA A 64 20.12 -6.73 0.30
CA ALA A 64 19.40 -6.67 1.56
C ALA A 64 20.34 -6.92 2.74
N LYS A 65 21.30 -7.84 2.55
CA LYS A 65 22.30 -8.10 3.58
C LYS A 65 23.12 -6.88 3.92
N ARG A 66 23.21 -5.92 3.01
CA ARG A 66 24.00 -4.72 3.20
C ARG A 66 23.17 -3.53 3.66
N VAL A 67 21.86 -3.70 3.86
CA VAL A 67 21.01 -2.67 4.42
C VAL A 67 21.30 -2.61 5.90
N PRO A 68 21.84 -1.52 6.43
CA PRO A 68 22.15 -1.46 7.86
C PRO A 68 20.96 -1.91 8.70
N GLY A 69 21.20 -2.88 9.58
CA GLY A 69 20.18 -3.41 10.45
C GLY A 69 19.56 -4.72 10.00
N PHE A 70 19.65 -5.05 8.71
CA PHE A 70 19.00 -6.25 8.20
C PHE A 70 19.74 -7.51 8.66
N VAL A 71 21.08 -7.47 8.68
CA VAL A 71 21.80 -8.65 9.12
C VAL A 71 21.61 -8.90 10.62
N ASP A 72 21.21 -7.88 11.38
CA ASP A 72 20.97 -8.09 12.82
C ASP A 72 19.74 -8.93 13.08
N LEU A 73 18.87 -9.11 12.09
CA LEU A 73 17.69 -9.94 12.26
C LEU A 73 18.05 -11.41 12.12
N THR A 74 17.20 -12.26 12.67
CA THR A 74 17.36 -13.69 12.48
C THR A 74 17.12 -14.06 11.02
N LEU A 75 17.59 -15.26 10.65
CA LEU A 75 17.39 -15.73 9.29
C LEU A 75 15.90 -15.79 8.94
N HIS A 76 15.07 -16.30 9.85
CA HIS A 76 13.66 -16.47 9.53
C HIS A 76 12.98 -15.12 9.31
N ASP A 77 13.34 -14.11 10.11
CA ASP A 77 12.79 -12.78 9.91
C ASP A 77 13.29 -12.16 8.60
N GLN A 78 14.57 -12.37 8.26
CA GLN A 78 15.05 -11.92 6.97
C GLN A 78 14.27 -12.57 5.84
N VAL A 79 14.01 -13.87 5.95
CA VAL A 79 13.25 -14.58 4.92
C VAL A 79 11.86 -13.99 4.79
N HIS A 80 11.20 -13.77 5.93
CA HIS A 80 9.85 -13.23 5.90
C HIS A 80 9.79 -11.88 5.19
N LEU A 81 10.70 -10.97 5.56
CA LEU A 81 10.66 -9.64 4.95
C LEU A 81 10.89 -9.69 3.44
N LEU A 82 11.87 -10.51 3.00
CA LEU A 82 12.14 -10.59 1.57
C LEU A 82 11.03 -11.29 0.80
N GLU A 83 10.45 -12.34 1.38
CA GLU A 83 9.30 -12.99 0.74
C GLU A 83 8.12 -12.02 0.59
N CYS A 84 7.90 -11.18 1.58
CA CYS A 84 6.79 -10.22 1.52
CA CYS A 84 6.81 -10.20 1.51
C CYS A 84 7.07 -9.09 0.49
N ALA A 85 8.29 -8.58 0.49
CA ALA A 85 8.60 -7.36 -0.24
C ALA A 85 9.29 -7.48 -1.60
N TRP A 86 9.64 -8.69 -2.05
CA TRP A 86 10.58 -8.80 -3.16
C TRP A 86 10.05 -8.12 -4.42
N LEU A 87 8.75 -8.27 -4.73
CA LEU A 87 8.27 -7.66 -5.98
C LEU A 87 8.12 -6.14 -5.84
N GLU A 88 7.70 -5.67 -4.66
CA GLU A 88 7.73 -4.22 -4.41
C GLU A 88 9.11 -3.66 -4.67
N ILE A 89 10.14 -4.35 -4.19
CA ILE A 89 11.52 -3.88 -4.35
C ILE A 89 11.95 -3.89 -5.80
N LEU A 90 11.67 -4.99 -6.52
CA LEU A 90 11.95 -5.00 -7.96
C LEU A 90 11.23 -3.86 -8.66
N MET A 91 9.97 -3.63 -8.29
CA MET A 91 9.19 -2.61 -8.98
C MET A 91 9.68 -1.21 -8.66
N ILE A 92 9.96 -0.90 -7.39
CA ILE A 92 10.44 0.46 -7.13
C ILE A 92 11.79 0.68 -7.84
N GLY A 93 12.59 -0.37 -7.98
CA GLY A 93 13.85 -0.22 -8.72
C GLY A 93 13.61 0.04 -10.20
N LEU A 94 12.64 -0.67 -10.80
CA LEU A 94 12.30 -0.44 -12.20
C LEU A 94 11.79 0.97 -12.43
N VAL A 95 10.87 1.42 -11.57
CA VAL A 95 10.36 2.77 -11.66
C VAL A 95 11.48 3.78 -11.54
N TRP A 96 12.41 3.56 -10.60
CA TRP A 96 13.53 4.49 -10.43
C TRP A 96 14.34 4.61 -11.71
N ARG A 97 14.74 3.49 -12.31
CA ARG A 97 15.61 3.64 -13.47
C ARG A 97 14.85 4.07 -14.72
N SER A 98 13.51 4.05 -14.68
CA SER A 98 12.70 4.51 -15.80
C SER A 98 12.37 6.00 -15.73
N MET A 99 12.84 6.70 -14.69
CA MET A 99 12.52 8.11 -14.52
C MET A 99 13.00 8.98 -15.68
N GLU A 100 14.18 8.68 -16.21
CA GLU A 100 14.74 9.47 -17.31
C GLU A 100 14.21 9.03 -18.67
N HIS A 101 13.19 8.17 -18.69
CA HIS A 101 12.60 7.69 -19.93
C HIS A 101 11.10 7.84 -19.85
N PRO A 102 10.58 9.07 -19.78
CA PRO A 102 9.13 9.26 -19.61
C PRO A 102 8.36 8.49 -20.66
N GLY A 103 7.27 7.85 -20.23
CA GLY A 103 6.47 7.03 -21.11
C GLY A 103 7.02 5.66 -21.41
N LYS A 104 8.15 5.28 -20.80
CA LYS A 104 8.73 3.97 -21.05
C LYS A 104 9.21 3.36 -19.74
N LEU A 105 9.38 2.04 -19.77
CA LEU A 105 9.90 1.29 -18.63
C LEU A 105 11.24 0.67 -19.05
N LEU A 106 12.29 1.07 -18.35
CA LEU A 106 13.65 0.59 -18.61
C LEU A 106 13.86 -0.68 -17.79
N PHE A 107 13.31 -1.78 -18.30
CA PHE A 107 13.52 -3.07 -17.64
C PHE A 107 15.00 -3.41 -17.58
N ALA A 108 15.73 -3.07 -18.63
CA ALA A 108 17.18 -3.16 -18.68
C ALA A 108 17.67 -2.16 -19.71
N PRO A 109 18.97 -1.85 -19.73
CA PRO A 109 19.45 -0.87 -20.71
C PRO A 109 19.13 -1.27 -22.14
N ASN A 110 19.14 -2.57 -22.44
CA ASN A 110 18.82 -3.06 -23.77
C ASN A 110 17.39 -3.59 -23.84
N LEU A 111 16.51 -3.22 -22.85
CA LEU A 111 15.10 -3.64 -22.87
C LEU A 111 14.24 -2.48 -22.34
N LEU A 112 14.03 -1.48 -23.18
CA LEU A 112 13.25 -0.29 -22.88
C LEU A 112 11.92 -0.42 -23.61
N LEU A 113 10.82 -0.54 -22.85
CA LEU A 113 9.52 -0.87 -23.42
C LEU A 113 8.52 0.26 -23.20
N ASP A 114 7.61 0.46 -24.17
CA ASP A 114 6.50 1.38 -24.02
C ASP A 114 5.21 0.60 -23.72
N ARG A 115 4.11 1.34 -23.50
CA ARG A 115 2.91 0.67 -23.01
C ARG A 115 2.26 -0.21 -24.08
N ASN A 116 2.42 0.15 -25.37
CA ASN A 116 1.91 -0.71 -26.43
C ASN A 116 2.53 -2.10 -26.37
N GLN A 117 3.82 -2.17 -26.07
CA GLN A 117 4.50 -3.44 -25.89
C GLN A 117 3.99 -4.18 -24.66
N GLY A 118 3.45 -3.46 -23.67
CA GLY A 118 2.79 -4.12 -22.55
C GLY A 118 1.63 -4.99 -22.98
N LYS A 119 0.96 -4.63 -24.07
CA LYS A 119 -0.20 -5.38 -24.54
C LYS A 119 0.18 -6.76 -25.07
N CYS A 120 1.48 -6.98 -25.31
CA CYS A 120 1.94 -8.24 -25.87
C CYS A 120 1.71 -9.38 -24.89
N VAL A 121 1.58 -9.03 -23.62
CA VAL A 121 1.31 -10.00 -22.58
C VAL A 121 -0.07 -9.72 -21.98
N GLU A 122 -0.91 -10.75 -21.98
CA GLU A 122 -2.26 -10.64 -21.46
C GLU A 122 -2.24 -10.19 -20.00
N GLY A 123 -2.98 -9.11 -19.70
CA GLY A 123 -3.02 -8.57 -18.35
C GLY A 123 -1.84 -7.71 -17.96
N MET A 124 -0.86 -7.51 -18.84
CA MET A 124 0.31 -6.75 -18.44
C MET A 124 0.09 -5.23 -18.50
N VAL A 125 -0.82 -4.78 -19.37
CA VAL A 125 -0.89 -3.35 -19.65
C VAL A 125 -1.41 -2.57 -18.43
N GLU A 126 -2.30 -3.18 -17.64
CA GLU A 126 -2.73 -2.51 -16.42
C GLU A 126 -1.56 -2.28 -15.48
N ILE A 127 -0.66 -3.26 -15.41
CA ILE A 127 0.48 -3.13 -14.51
C ILE A 127 1.50 -2.16 -15.07
N PHE A 128 1.72 -2.21 -16.39
CA PHE A 128 2.57 -1.22 -17.05
C PHE A 128 2.09 0.20 -16.74
N ASP A 129 0.78 0.45 -16.88
CA ASP A 129 0.27 1.80 -16.67
C ASP A 129 0.51 2.28 -15.24
N MET A 130 0.39 1.38 -14.26
CA MET A 130 0.63 1.77 -12.87
C MET A 130 2.10 2.07 -12.65
N LEU A 131 2.99 1.28 -13.25
CA LEU A 131 4.42 1.54 -13.13
C LEU A 131 4.79 2.86 -13.78
N LEU A 132 4.27 3.12 -14.99
CA LEU A 132 4.52 4.39 -15.66
C LEU A 132 4.01 5.55 -14.83
N ALA A 133 2.84 5.39 -14.21
CA ALA A 133 2.29 6.44 -13.35
C ALA A 133 3.20 6.70 -12.17
N THR A 134 3.77 5.64 -11.58
CA THR A 134 4.69 5.83 -10.46
C THR A 134 5.93 6.57 -10.91
N SER A 135 6.44 6.22 -12.10
CA SER A 135 7.62 6.90 -12.61
C SER A 135 7.35 8.38 -12.84
N SER A 136 6.18 8.69 -13.40
CA SER A 136 5.79 10.09 -13.57
C SER A 136 5.72 10.81 -12.24
N ARG A 137 5.17 10.17 -11.20
CA ARG A 137 5.06 10.83 -9.90
C ARG A 137 6.44 11.09 -9.30
N PHE A 138 7.36 10.13 -9.43
CA PHE A 138 8.74 10.32 -9.00
C PHE A 138 9.38 11.51 -9.71
N ARG A 139 9.16 11.59 -11.02
CA ARG A 139 9.76 12.65 -11.81
C ARG A 139 9.22 14.01 -11.39
N MET A 140 7.89 14.11 -11.25
CA MET A 140 7.28 15.37 -10.83
C MET A 140 7.79 15.80 -9.45
N MET A 141 8.02 14.83 -8.55
CA MET A 141 8.58 15.16 -7.24
C MET A 141 10.07 15.42 -7.28
N ASN A 142 10.73 15.17 -8.40
CA ASN A 142 12.19 15.26 -8.50
CA ASN A 142 12.20 15.25 -8.49
C ASN A 142 12.84 14.39 -7.42
N LEU A 143 12.39 13.14 -7.33
CA LEU A 143 12.94 12.21 -6.37
C LEU A 143 14.44 12.07 -6.55
N GLN A 144 15.19 12.17 -5.46
CA GLN A 144 16.65 12.09 -5.51
C GLN A 144 17.11 10.68 -5.21
N GLY A 145 18.28 10.33 -5.75
CA GLY A 145 18.81 8.99 -5.56
C GLY A 145 18.98 8.63 -4.09
N GLU A 146 19.33 9.62 -3.26
CA GLU A 146 19.45 9.37 -1.84
C GLU A 146 18.08 9.09 -1.20
N GLU A 147 17.04 9.79 -1.65
CA GLU A 147 15.69 9.50 -1.17
C GLU A 147 15.23 8.10 -1.61
N PHE A 148 15.52 7.77 -2.87
CA PHE A 148 15.15 6.46 -3.41
C PHE A 148 15.71 5.32 -2.57
N VAL A 149 17.00 5.37 -2.23
CA VAL A 149 17.57 4.24 -1.49
C VAL A 149 16.94 4.14 -0.10
N CYS A 150 16.59 5.28 0.52
CA CYS A 150 15.87 5.22 1.78
C CYS A 150 14.53 4.52 1.63
N LEU A 151 13.76 4.88 0.59
CA LEU A 151 12.42 4.29 0.42
C LEU A 151 12.51 2.81 0.15
N LYS A 152 13.48 2.37 -0.64
CA LYS A 152 13.56 0.96 -0.96
C LYS A 152 13.89 0.14 0.29
N SER A 153 14.75 0.68 1.16
CA SER A 153 15.02 0.02 2.44
C SER A 153 13.80 0.05 3.36
N ILE A 154 13.03 1.14 3.35
CA ILE A 154 11.80 1.16 4.14
C ILE A 154 10.87 0.03 3.71
N ILE A 155 10.66 -0.15 2.40
CA ILE A 155 9.81 -1.25 1.91
C ILE A 155 10.30 -2.56 2.49
N LEU A 156 11.61 -2.81 2.40
CA LEU A 156 12.16 -4.08 2.86
C LEU A 156 11.82 -4.32 4.33
N LEU A 157 12.01 -3.30 5.18
CA LEU A 157 11.78 -3.48 6.60
C LEU A 157 10.29 -3.40 6.96
N ASN A 158 9.51 -2.65 6.20
CA ASN A 158 8.15 -2.37 6.64
C ASN A 158 7.13 -3.37 6.11
N SER A 159 7.28 -3.82 4.85
CA SER A 159 6.16 -4.48 4.20
C SER A 159 5.70 -5.72 4.97
N GLY A 160 6.63 -6.51 5.49
CA GLY A 160 6.24 -7.69 6.23
C GLY A 160 6.23 -7.57 7.74
N VAL A 161 6.39 -6.37 8.30
CA VAL A 161 6.62 -6.35 9.74
C VAL A 161 5.33 -6.51 10.54
N TYR A 162 4.18 -6.26 9.92
CA TYR A 162 2.87 -6.42 10.56
C TYR A 162 2.29 -7.82 10.41
N THR A 163 3.05 -8.74 9.81
CA THR A 163 2.64 -10.13 9.70
C THR A 163 3.69 -11.03 10.36
N PHE A 164 4.27 -10.54 11.45
CA PHE A 164 5.14 -11.34 12.31
C PHE A 164 4.33 -11.98 13.43
N LYS A 175 10.36 -7.07 16.43
CA LYS A 175 9.55 -5.99 15.88
C LYS A 175 10.11 -4.63 16.30
N ASP A 176 10.52 -4.53 17.57
CA ASP A 176 10.98 -3.24 18.08
C ASP A 176 12.24 -2.79 17.36
N HIS A 177 13.16 -3.72 17.10
CA HIS A 177 14.40 -3.36 16.41
C HIS A 177 14.13 -2.87 14.99
N ILE A 178 13.18 -3.52 14.29
CA ILE A 178 12.86 -3.12 12.93
C ILE A 178 12.27 -1.72 12.91
N HIS A 179 11.38 -1.44 13.88
CA HIS A 179 10.77 -0.11 13.94
C HIS A 179 11.79 0.97 14.28
N ARG A 180 12.83 0.63 15.07
CA ARG A 180 13.87 1.60 15.37
C ARG A 180 14.71 1.93 14.14
N VAL A 181 15.00 0.91 13.32
CA VAL A 181 15.72 1.15 12.06
C VAL A 181 14.86 2.00 11.14
N LEU A 182 13.55 1.67 11.05
CA LEU A 182 12.65 2.48 10.24
C LEU A 182 12.65 3.92 10.72
N ASP A 183 12.62 4.12 12.04
CA ASP A 183 12.71 5.47 12.59
C ASP A 183 14.01 6.15 12.16
N LYS A 184 15.11 5.40 12.15
CA LYS A 184 16.38 5.98 11.72
C LYS A 184 16.35 6.38 10.24
N ILE A 185 15.65 5.61 9.40
CA ILE A 185 15.56 5.98 8.00
C ILE A 185 14.68 7.23 7.82
N THR A 186 13.62 7.35 8.63
CA THR A 186 12.85 8.58 8.65
C THR A 186 13.74 9.77 8.99
N ASP A 187 14.50 9.68 10.09
CA ASP A 187 15.45 10.74 10.42
C ASP A 187 16.34 11.08 9.23
N THR A 188 16.75 10.05 8.49
CA THR A 188 17.68 10.23 7.36
C THR A 188 17.01 10.94 6.18
N LEU A 189 15.73 10.60 5.90
CA LEU A 189 14.99 11.31 4.88
C LEU A 189 14.83 12.80 5.21
N ILE A 190 14.42 13.11 6.45
CA ILE A 190 14.29 14.51 6.84
C ILE A 190 15.63 15.23 6.75
N HIS A 191 16.71 14.56 7.14
CA HIS A 191 18.03 15.16 7.07
C HIS A 191 18.38 15.55 5.63
N LEU A 192 18.12 14.67 4.67
CA LEU A 192 18.37 14.98 3.26
C LEU A 192 17.58 16.19 2.81
N MET A 193 16.30 16.28 3.22
CA MET A 193 15.46 17.39 2.78
C MET A 193 15.90 18.70 3.43
N ALA A 194 16.25 18.65 4.71
CA ALA A 194 16.77 19.84 5.37
C ALA A 194 18.04 20.33 4.69
N LYS A 195 18.92 19.40 4.29
CA LYS A 195 20.12 19.78 3.56
C LYS A 195 19.78 20.45 2.24
N ALA A 196 18.76 19.95 1.54
CA ALA A 196 18.35 20.58 0.27
C ALA A 196 17.66 21.93 0.46
N GLY A 197 17.58 22.48 1.67
CA GLY A 197 16.99 23.79 1.86
C GLY A 197 15.49 23.82 2.07
N LEU A 198 14.85 22.66 2.25
CA LEU A 198 13.41 22.67 2.47
C LEU A 198 13.09 23.17 3.88
N THR A 199 12.05 23.98 3.98
CA THR A 199 11.60 24.44 5.28
C THR A 199 10.97 23.28 6.05
N LEU A 200 10.69 23.51 7.33
CA LEU A 200 10.11 22.45 8.16
C LEU A 200 8.82 21.94 7.55
N GLN A 201 7.93 22.86 7.17
CA GLN A 201 6.65 22.47 6.57
C GLN A 201 6.87 21.69 5.28
N GLN A 202 7.83 22.13 4.45
CA GLN A 202 8.12 21.40 3.23
C GLN A 202 8.69 20.02 3.52
N GLN A 203 9.42 19.88 4.63
CA GLN A 203 10.03 18.60 4.97
C GLN A 203 8.98 17.56 5.32
N HIS A 204 8.05 17.91 6.21
CA HIS A 204 7.07 16.87 6.57
C HIS A 204 6.07 16.64 5.45
N GLN A 205 5.78 17.66 4.65
CA GLN A 205 4.94 17.44 3.47
C GLN A 205 5.62 16.50 2.48
N ARG A 206 6.90 16.71 2.20
CA ARG A 206 7.57 15.80 1.27
C ARG A 206 7.69 14.40 1.87
N LEU A 207 7.95 14.30 3.18
CA LEU A 207 8.05 12.97 3.79
C LEU A 207 6.75 12.20 3.60
N ALA A 208 5.62 12.87 3.83
CA ALA A 208 4.35 12.20 3.65
C ALA A 208 4.12 11.81 2.19
N GLN A 209 4.43 12.72 1.26
CA GLN A 209 4.22 12.44 -0.15
C GLN A 209 5.01 11.22 -0.58
N LEU A 210 6.25 11.12 -0.13
CA LEU A 210 7.07 9.97 -0.48
C LEU A 210 6.47 8.70 0.08
N LEU A 211 6.09 8.71 1.36
CA LEU A 211 5.63 7.48 1.99
C LEU A 211 4.26 7.05 1.48
N LEU A 212 3.43 8.00 1.04
CA LEU A 212 2.15 7.62 0.46
C LEU A 212 2.30 6.83 -0.84
N ILE A 213 3.38 7.08 -1.60
CA ILE A 213 3.61 6.32 -2.83
C ILE A 213 3.89 4.85 -2.51
N LEU A 214 4.39 4.55 -1.30
CA LEU A 214 4.60 3.16 -0.93
C LEU A 214 3.29 2.38 -0.87
N SER A 215 2.17 3.05 -0.58
CA SER A 215 0.89 2.35 -0.64
C SER A 215 0.55 1.95 -2.08
N HIS A 216 0.92 2.78 -3.06
CA HIS A 216 0.69 2.43 -4.47
CA HIS A 216 0.63 2.36 -4.42
C HIS A 216 1.63 1.33 -4.92
N ILE A 217 2.87 1.37 -4.47
CA ILE A 217 3.80 0.29 -4.78
C ILE A 217 3.30 -1.03 -4.22
N ARG A 218 2.77 -1.01 -2.99
CA ARG A 218 2.15 -2.23 -2.46
C ARG A 218 1.04 -2.73 -3.38
N HIS A 219 0.15 -1.83 -3.82
CA HIS A 219 -0.94 -2.21 -4.71
C HIS A 219 -0.41 -2.83 -6.01
N MET A 220 0.61 -2.20 -6.59
CA MET A 220 1.18 -2.72 -7.83
C MET A 220 1.76 -4.12 -7.62
N SER A 221 2.47 -4.31 -6.51
CA SER A 221 3.02 -5.63 -6.21
C SER A 221 1.92 -6.67 -6.10
N ASN A 222 0.84 -6.36 -5.38
CA ASN A 222 -0.20 -7.36 -5.25
C ASN A 222 -0.86 -7.64 -6.60
N LYS A 223 -1.05 -6.61 -7.42
CA LYS A 223 -1.56 -6.85 -8.77
C LYS A 223 -0.57 -7.65 -9.60
N GLY A 224 0.72 -7.32 -9.48
CA GLY A 224 1.74 -8.07 -10.20
C GLY A 224 1.87 -9.50 -9.72
N MET A 225 1.67 -9.74 -8.43
CA MET A 225 1.72 -11.11 -7.92
C MET A 225 0.60 -11.96 -8.49
N GLU A 226 -0.60 -11.40 -8.57
CA GLU A 226 -1.70 -12.13 -9.19
C GLU A 226 -1.41 -12.38 -10.67
N HIS A 227 -0.78 -11.41 -11.35
CA HIS A 227 -0.48 -11.60 -12.76
C HIS A 227 0.56 -12.69 -12.96
N LEU A 228 1.60 -12.71 -12.12
CA LEU A 228 2.59 -13.77 -12.18
C LEU A 228 1.96 -15.13 -11.92
N TYR A 229 1.05 -15.20 -10.94
CA TYR A 229 0.36 -16.45 -10.67
C TYR A 229 -0.46 -16.90 -11.87
N SER A 230 -1.09 -15.94 -12.57
CA SER A 230 -1.86 -16.27 -13.76
C SER A 230 -0.96 -16.72 -14.90
N MET A 231 0.21 -16.08 -15.05
CA MET A 231 1.16 -16.55 -16.06
C MET A 231 1.67 -17.94 -15.69
N LYS A 232 1.83 -18.20 -14.41
CA LYS A 232 2.19 -19.54 -13.96
C LYS A 232 1.13 -20.55 -14.39
N CYS A 233 -0.14 -20.28 -14.07
CA CYS A 233 -1.23 -21.19 -14.45
C CYS A 233 -1.41 -21.32 -15.97
N LYS A 234 -1.17 -20.22 -16.69
CA LYS A 234 -1.26 -20.23 -18.15
C LYS A 234 -0.09 -21.02 -18.74
N ASN A 235 1.01 -21.06 -17.99
CA ASN A 235 2.15 -21.90 -18.32
C ASN A 235 2.76 -21.53 -19.66
N VAL A 236 2.83 -20.22 -19.94
CA VAL A 236 3.45 -19.75 -21.19
C VAL A 236 4.95 -20.00 -21.15
N VAL A 237 5.58 -19.80 -20.00
CA VAL A 237 7.02 -19.95 -19.84
C VAL A 237 7.28 -20.57 -18.47
N PRO A 238 8.24 -21.48 -18.33
CA PRO A 238 8.58 -22.00 -16.99
C PRO A 238 9.25 -20.93 -16.14
N LEU A 239 8.72 -20.72 -14.94
CA LEU A 239 9.37 -19.80 -14.01
C LEU A 239 10.49 -20.52 -13.27
N SER A 240 11.51 -19.76 -12.88
CA SER A 240 12.60 -20.36 -12.13
C SER A 240 12.10 -20.88 -10.78
N ASP A 241 12.82 -21.86 -10.24
CA ASP A 241 12.51 -22.36 -8.91
C ASP A 241 12.51 -21.23 -7.89
N LEU A 242 13.47 -20.30 -7.98
CA LEU A 242 13.51 -19.20 -6.99
C LEU A 242 12.30 -18.29 -7.13
N LEU A 243 11.97 -17.91 -8.36
CA LEU A 243 10.83 -17.03 -8.58
C LEU A 243 9.54 -17.71 -8.09
N LEU A 244 9.43 -19.03 -8.31
CA LEU A 244 8.27 -19.77 -7.83
C LEU A 244 8.21 -19.83 -6.32
N GLU A 245 9.37 -19.94 -5.65
CA GLU A 245 9.39 -19.95 -4.19
C GLU A 245 8.95 -18.60 -3.61
N MET A 246 9.42 -17.49 -4.21
CA MET A 246 8.96 -16.17 -3.77
C MET A 246 7.48 -15.98 -4.06
N LEU A 247 7.03 -16.46 -5.22
CA LEU A 247 5.61 -16.35 -5.57
C LEU A 247 4.76 -17.19 -4.64
N ASP A 248 5.19 -18.43 -4.35
N ASP A 248 5.19 -18.42 -4.35
CA ASP A 248 4.42 -19.31 -3.50
CA ASP A 248 4.39 -19.30 -3.51
C ASP A 248 4.25 -18.77 -2.09
C ASP A 248 4.28 -18.81 -2.07
N ALA A 249 5.16 -17.92 -1.63
CA ALA A 249 5.04 -17.34 -0.30
C ALA A 249 3.86 -16.37 -0.17
N HIS A 250 3.23 -16.00 -1.27
CA HIS A 250 2.06 -15.14 -1.22
C HIS A 250 0.74 -15.88 -1.41
N ARG A 251 0.77 -17.16 -1.72
CA ARG A 251 -0.45 -17.90 -2.00
C ARG A 251 -0.80 -18.84 -0.84
N SER B 8 -12.89 26.95 -2.54
CA SER B 8 -11.83 26.14 -1.98
C SER B 8 -11.85 26.17 -0.45
N LEU B 9 -12.92 25.62 0.13
CA LEU B 9 -13.08 25.65 1.58
C LEU B 9 -11.96 24.85 2.26
N ALA B 10 -11.55 23.73 1.67
CA ALA B 10 -10.58 22.85 2.31
C ALA B 10 -9.25 23.56 2.55
N LEU B 11 -8.85 24.44 1.64
CA LEU B 11 -7.55 25.08 1.76
C LEU B 11 -7.52 26.15 2.85
N SER B 12 -8.68 26.68 3.23
CA SER B 12 -8.75 27.76 4.21
C SER B 12 -8.88 27.27 5.64
N LEU B 13 -9.19 25.99 5.86
CA LEU B 13 -9.33 25.48 7.21
C LEU B 13 -8.00 25.50 7.94
N THR B 14 -8.04 25.85 9.22
CA THR B 14 -6.91 25.64 10.09
C THR B 14 -6.83 24.16 10.49
N ALA B 15 -5.69 23.77 11.07
CA ALA B 15 -5.57 22.40 11.56
C ALA B 15 -6.72 22.05 12.50
N ASP B 16 -6.99 22.92 13.48
CA ASP B 16 -8.06 22.65 14.44
C ASP B 16 -9.43 22.58 13.76
N GLN B 17 -9.65 23.40 12.73
CA GLN B 17 -10.90 23.34 11.99
C GLN B 17 -10.99 22.10 11.10
N MET B 18 -9.85 21.65 10.56
CA MET B 18 -9.85 20.38 9.82
C MET B 18 -10.28 19.23 10.73
N VAL B 19 -9.72 19.17 11.93
CA VAL B 19 -10.04 18.08 12.85
C VAL B 19 -11.51 18.12 13.21
N SER B 20 -12.03 19.30 13.53
CA SER B 20 -13.45 19.42 13.89
C SER B 20 -14.34 18.98 12.75
N ALA B 21 -14.03 19.43 11.53
CA ALA B 21 -14.79 19.00 10.37
C ALA B 21 -14.80 17.48 10.24
N LEU B 22 -13.62 16.86 10.29
CA LEU B 22 -13.56 15.41 10.14
C LEU B 22 -14.25 14.70 11.31
N LEU B 23 -14.06 15.21 12.53
CA LEU B 23 -14.72 14.57 13.66
C LEU B 23 -16.24 14.64 13.51
N ASP B 24 -16.77 15.79 13.10
CA ASP B 24 -18.21 15.96 12.95
C ASP B 24 -18.79 15.09 11.84
N ALA B 25 -17.99 14.72 10.84
CA ALA B 25 -18.46 13.92 9.73
C ALA B 25 -18.45 12.42 10.00
N GLU B 26 -17.95 12.00 11.16
CA GLU B 26 -17.74 10.58 11.41
C GLU B 26 -19.04 9.82 11.21
N PRO B 27 -19.03 8.71 10.48
CA PRO B 27 -20.23 7.90 10.36
C PRO B 27 -20.54 7.21 11.66
N PRO B 28 -21.74 6.68 11.83
CA PRO B 28 -22.09 5.97 13.06
C PRO B 28 -21.61 4.53 13.02
N ILE B 29 -21.61 3.89 14.18
CA ILE B 29 -21.30 2.47 14.26
C ILE B 29 -22.62 1.71 14.18
N LEU B 30 -22.71 0.79 13.22
CA LEU B 30 -23.94 0.09 12.93
C LEU B 30 -23.93 -1.28 13.60
N TYR B 31 -25.14 -1.83 13.79
CA TYR B 31 -25.34 -3.15 14.37
C TYR B 31 -25.53 -4.18 13.26
N SER B 32 -25.15 -5.41 13.57
CA SER B 32 -25.44 -6.55 12.70
C SER B 32 -26.75 -7.20 13.14
N GLU B 33 -27.21 -8.18 12.36
CA GLU B 33 -28.35 -8.99 12.73
C GLU B 33 -27.95 -10.24 13.51
N TYR B 34 -26.76 -10.24 14.09
CA TYR B 34 -26.26 -11.40 14.80
C TYR B 34 -27.18 -11.78 15.96
N ASP B 35 -27.57 -13.05 15.99
CA ASP B 35 -28.31 -13.62 17.11
C ASP B 35 -27.45 -14.62 17.85
N PRO B 36 -26.94 -14.28 19.04
CA PRO B 36 -25.96 -15.15 19.71
C PRO B 36 -26.53 -16.45 20.26
N THR B 37 -27.85 -16.60 20.27
CA THR B 37 -28.46 -17.86 20.74
C THR B 37 -28.46 -18.95 19.68
N ARG B 38 -27.42 -19.00 18.84
CA ARG B 38 -27.22 -20.07 17.88
C ARG B 38 -25.79 -20.00 17.35
N PRO B 39 -25.16 -21.14 17.07
CA PRO B 39 -23.75 -21.14 16.66
C PRO B 39 -23.56 -20.65 15.24
N PHE B 40 -22.35 -20.18 14.97
CA PHE B 40 -22.02 -19.62 13.67
C PHE B 40 -21.99 -20.70 12.59
N SER B 41 -21.90 -20.23 11.35
CA SER B 41 -21.56 -21.06 10.21
C SER B 41 -20.84 -20.18 9.20
N GLU B 42 -20.12 -20.80 8.27
CA GLU B 42 -19.35 -20.05 7.29
C GLU B 42 -20.25 -19.11 6.49
N ALA B 43 -21.30 -19.67 5.88
CA ALA B 43 -22.19 -18.88 5.04
C ALA B 43 -22.89 -17.80 5.86
N SER B 44 -23.39 -18.16 7.04
CA SER B 44 -24.20 -17.23 7.80
C SER B 44 -23.36 -16.08 8.37
N MET B 45 -22.21 -16.41 8.96
CA MET B 45 -21.31 -15.37 9.45
C MET B 45 -20.93 -14.39 8.35
N MET B 46 -20.52 -14.91 7.18
CA MET B 46 -20.16 -14.00 6.08
C MET B 46 -21.35 -13.19 5.60
N GLY B 47 -22.56 -13.76 5.67
CA GLY B 47 -23.74 -12.99 5.31
C GLY B 47 -23.97 -11.82 6.24
N LEU B 48 -23.74 -12.04 7.55
CA LEU B 48 -23.81 -10.93 8.50
C LEU B 48 -22.81 -9.84 8.13
N LEU B 49 -21.59 -10.22 7.76
CA LEU B 49 -20.54 -9.24 7.52
C LEU B 49 -20.77 -8.48 6.21
N THR B 50 -21.26 -9.16 5.18
CA THR B 50 -21.51 -8.47 3.92
C THR B 50 -22.76 -7.58 4.02
N ASN B 51 -23.78 -8.04 4.77
CA ASN B 51 -24.94 -7.18 5.04
C ASN B 51 -24.49 -5.91 5.75
N LEU B 52 -23.66 -6.04 6.78
CA LEU B 52 -23.14 -4.89 7.52
C LEU B 52 -22.30 -3.97 6.62
N ALA B 53 -21.37 -4.56 5.85
CA ALA B 53 -20.52 -3.76 4.97
C ALA B 53 -21.35 -2.97 3.97
N ASP B 54 -22.40 -3.58 3.41
CA ASP B 54 -23.27 -2.86 2.49
C ASP B 54 -23.92 -1.66 3.18
N ARG B 55 -24.39 -1.85 4.40
CA ARG B 55 -25.00 -0.73 5.10
C ARG B 55 -23.96 0.32 5.44
N GLU B 56 -22.77 -0.11 5.87
CA GLU B 56 -21.70 0.86 6.14
C GLU B 56 -21.33 1.63 4.88
N LEU B 57 -21.34 0.96 3.72
CA LEU B 57 -20.94 1.63 2.49
C LEU B 57 -21.80 2.86 2.20
N VAL B 58 -23.10 2.76 2.48
CA VAL B 58 -23.97 3.92 2.24
C VAL B 58 -23.54 5.09 3.12
N HIS B 59 -23.28 4.83 4.40
CA HIS B 59 -22.83 5.90 5.28
C HIS B 59 -21.46 6.43 4.85
N MET B 60 -20.60 5.54 4.35
CA MET B 60 -19.28 5.98 3.92
C MET B 60 -19.39 6.95 2.76
N ILE B 61 -20.29 6.67 1.82
CA ILE B 61 -20.42 7.52 0.64
C ILE B 61 -20.87 8.91 1.05
N ASN B 62 -21.73 9.00 2.07
CA ASN B 62 -22.15 10.31 2.53
C ASN B 62 -21.13 10.96 3.47
N TRP B 63 -20.31 10.17 4.16
CA TRP B 63 -19.15 10.73 4.86
C TRP B 63 -18.17 11.36 3.88
N ALA B 64 -17.87 10.67 2.78
CA ALA B 64 -16.88 11.17 1.83
C ALA B 64 -17.22 12.58 1.36
N LYS B 65 -18.51 12.85 1.15
CA LYS B 65 -18.93 14.18 0.73
C LYS B 65 -18.50 15.25 1.72
N ARG B 66 -18.31 14.87 2.98
CA ARG B 66 -17.98 15.81 4.03
C ARG B 66 -16.49 15.93 4.30
N VAL B 67 -15.67 15.13 3.62
CA VAL B 67 -14.21 15.26 3.74
C VAL B 67 -13.79 16.50 2.96
N PRO B 68 -13.13 17.46 3.59
CA PRO B 68 -12.75 18.71 2.90
C PRO B 68 -12.04 18.43 1.58
N GLY B 69 -12.45 19.14 0.53
CA GLY B 69 -11.89 18.99 -0.79
C GLY B 69 -12.58 17.98 -1.67
N PHE B 70 -13.18 16.94 -1.07
CA PHE B 70 -13.77 15.87 -1.88
C PHE B 70 -14.88 16.41 -2.78
N VAL B 71 -15.65 17.38 -2.29
CA VAL B 71 -16.77 17.93 -3.05
C VAL B 71 -16.27 18.78 -4.22
N ASP B 72 -15.03 19.27 -4.16
CA ASP B 72 -14.49 20.05 -5.26
C ASP B 72 -14.18 19.19 -6.48
N LEU B 73 -14.01 17.88 -6.30
CA LEU B 73 -13.67 16.99 -7.40
C LEU B 73 -14.87 16.73 -8.29
N THR B 74 -14.59 16.26 -9.50
CA THR B 74 -15.64 15.84 -10.41
C THR B 74 -16.29 14.55 -9.92
N LEU B 75 -17.51 14.32 -10.41
CA LEU B 75 -18.25 13.10 -10.06
C LEU B 75 -17.48 11.86 -10.49
N HIS B 76 -16.93 11.88 -11.70
CA HIS B 76 -16.11 10.76 -12.16
C HIS B 76 -14.95 10.50 -11.21
N ASP B 77 -14.28 11.55 -10.73
CA ASP B 77 -13.15 11.39 -9.84
C ASP B 77 -13.58 10.99 -8.43
N GLN B 78 -14.75 11.43 -7.98
CA GLN B 78 -15.28 10.96 -6.70
C GLN B 78 -15.56 9.46 -6.77
N VAL B 79 -16.24 9.02 -7.84
CA VAL B 79 -16.50 7.61 -8.06
C VAL B 79 -15.19 6.81 -8.03
N HIS B 80 -14.19 7.26 -8.79
CA HIS B 80 -12.93 6.52 -8.86
C HIS B 80 -12.28 6.36 -7.49
N LEU B 81 -12.18 7.45 -6.73
CA LEU B 81 -11.52 7.39 -5.44
C LEU B 81 -12.24 6.44 -4.49
N LEU B 82 -13.57 6.50 -4.44
CA LEU B 82 -14.31 5.59 -3.56
C LEU B 82 -14.22 4.15 -4.04
N GLU B 83 -14.21 3.93 -5.36
CA GLU B 83 -14.10 2.57 -5.86
C GLU B 83 -12.78 1.94 -5.44
N CYS B 84 -11.74 2.75 -5.43
CA CYS B 84 -10.41 2.27 -5.10
CA CYS B 84 -10.41 2.27 -5.08
C CYS B 84 -10.27 2.07 -3.58
N ALA B 85 -10.84 2.98 -2.81
CA ALA B 85 -10.56 3.04 -1.37
C ALA B 85 -11.57 2.38 -0.42
N TRP B 86 -12.74 1.93 -0.89
CA TRP B 86 -13.83 1.66 0.03
C TRP B 86 -13.48 0.55 1.02
N LEU B 87 -12.81 -0.52 0.58
CA LEU B 87 -12.52 -1.60 1.52
C LEU B 87 -11.42 -1.19 2.49
N GLU B 88 -10.40 -0.46 2.02
CA GLU B 88 -9.42 0.11 2.95
C GLU B 88 -10.12 0.92 4.05
N ILE B 89 -11.12 1.70 3.67
CA ILE B 89 -11.78 2.57 4.63
C ILE B 89 -12.62 1.76 5.61
N LEU B 90 -13.35 0.75 5.11
CA LEU B 90 -14.06 -0.14 6.03
C LEU B 90 -13.09 -0.80 6.99
N MET B 91 -11.94 -1.25 6.47
CA MET B 91 -11.00 -1.97 7.30
C MET B 91 -10.34 -1.08 8.35
N ILE B 92 -9.92 0.14 7.98
CA ILE B 92 -9.33 0.98 9.02
C ILE B 92 -10.36 1.32 10.09
N GLY B 93 -11.60 1.54 9.68
CA GLY B 93 -12.66 1.77 10.66
C GLY B 93 -12.84 0.59 11.59
N LEU B 94 -12.82 -0.63 11.05
CA LEU B 94 -12.94 -1.82 11.87
C LEU B 94 -11.78 -1.92 12.85
N VAL B 95 -10.56 -1.72 12.35
CA VAL B 95 -9.36 -1.79 13.19
C VAL B 95 -9.42 -0.74 14.29
N TRP B 96 -9.95 0.44 13.97
CA TRP B 96 -10.04 1.51 14.96
C TRP B 96 -10.99 1.13 16.10
N ARG B 97 -12.19 0.67 15.79
CA ARG B 97 -13.08 0.36 16.88
C ARG B 97 -12.72 -0.93 17.61
N SER B 98 -11.79 -1.71 17.07
CA SER B 98 -11.31 -2.91 17.74
C SER B 98 -10.08 -2.66 18.62
N MET B 99 -9.55 -1.44 18.61
CA MET B 99 -8.29 -1.13 19.30
C MET B 99 -8.31 -1.62 20.74
N GLU B 100 -9.38 -1.34 21.47
CA GLU B 100 -9.45 -1.63 22.89
C GLU B 100 -9.97 -3.03 23.19
N HIS B 101 -9.89 -3.95 22.23
CA HIS B 101 -10.37 -5.31 22.38
C HIS B 101 -9.27 -6.25 21.91
N PRO B 102 -8.20 -6.38 22.70
CA PRO B 102 -7.05 -7.17 22.26
C PRO B 102 -7.49 -8.56 21.82
N GLY B 103 -7.01 -8.98 20.66
CA GLY B 103 -7.31 -10.31 20.19
C GLY B 103 -8.65 -10.46 19.50
N LYS B 104 -9.44 -9.40 19.38
CA LYS B 104 -10.75 -9.52 18.80
C LYS B 104 -11.02 -8.39 17.82
N LEU B 105 -11.94 -8.65 16.91
CA LEU B 105 -12.41 -7.68 15.93
C LEU B 105 -13.85 -7.31 16.29
N LEU B 106 -14.09 -6.01 16.50
CA LEU B 106 -15.43 -5.52 16.83
C LEU B 106 -16.13 -5.11 15.55
N PHE B 107 -16.73 -6.09 14.87
CA PHE B 107 -17.42 -5.78 13.63
C PHE B 107 -18.63 -4.90 13.90
N ALA B 108 -19.28 -5.13 15.02
CA ALA B 108 -20.44 -4.36 15.46
C ALA B 108 -20.45 -4.43 16.98
N PRO B 109 -21.15 -3.50 17.66
CA PRO B 109 -21.21 -3.58 19.13
C PRO B 109 -21.67 -4.93 19.62
N ASN B 110 -22.57 -5.57 18.88
CA ASN B 110 -23.10 -6.88 19.21
C ASN B 110 -22.39 -8.01 18.47
N LEU B 111 -21.19 -7.77 17.95
CA LEU B 111 -20.50 -8.80 17.17
C LEU B 111 -19.00 -8.60 17.34
N LEU B 112 -18.43 -9.26 18.35
CA LEU B 112 -17.02 -9.18 18.68
C LEU B 112 -16.42 -10.58 18.54
N LEU B 113 -15.53 -10.77 17.56
CA LEU B 113 -15.03 -12.09 17.20
C LEU B 113 -13.53 -12.17 17.43
N ASP B 114 -13.07 -13.31 17.94
CA ASP B 114 -11.65 -13.64 17.95
C ASP B 114 -11.31 -14.46 16.70
N ARG B 115 -10.02 -14.78 16.53
CA ARG B 115 -9.58 -15.42 15.29
C ARG B 115 -10.16 -16.82 15.14
N ASN B 116 -10.49 -17.48 16.25
CA ASN B 116 -11.01 -18.85 16.18
C ASN B 116 -12.38 -18.88 15.50
N GLN B 117 -13.23 -17.90 15.78
CA GLN B 117 -14.52 -17.84 15.09
C GLN B 117 -14.35 -17.40 13.64
N GLY B 118 -13.36 -16.54 13.37
CA GLY B 118 -13.09 -16.14 12.00
C GLY B 118 -12.61 -17.28 11.12
N LYS B 119 -12.10 -18.35 11.72
CA LYS B 119 -11.73 -19.54 10.95
C LYS B 119 -12.93 -20.23 10.33
N CYS B 120 -14.16 -19.90 10.77
CA CYS B 120 -15.34 -20.50 10.19
C CYS B 120 -15.43 -20.29 8.68
N VAL B 121 -14.80 -19.24 8.17
CA VAL B 121 -14.78 -18.94 6.75
C VAL B 121 -13.41 -19.30 6.19
N GLU B 122 -13.40 -19.94 5.01
CA GLU B 122 -12.16 -20.35 4.39
C GLU B 122 -11.41 -19.13 3.87
N GLY B 123 -10.14 -19.01 4.25
CA GLY B 123 -9.29 -17.92 3.81
C GLY B 123 -9.45 -16.63 4.58
N MET B 124 -10.50 -16.48 5.38
CA MET B 124 -10.69 -15.28 6.18
C MET B 124 -9.67 -15.18 7.31
N VAL B 125 -9.12 -16.31 7.77
CA VAL B 125 -8.27 -16.30 8.95
C VAL B 125 -7.00 -15.48 8.72
N GLU B 126 -6.46 -15.54 7.51
CA GLU B 126 -5.28 -14.73 7.19
C GLU B 126 -5.60 -13.24 7.26
N ILE B 127 -6.72 -12.84 6.66
CA ILE B 127 -7.11 -11.44 6.70
C ILE B 127 -7.46 -11.02 8.13
N PHE B 128 -8.20 -11.88 8.83
CA PHE B 128 -8.49 -11.68 10.25
C PHE B 128 -7.23 -11.39 11.05
N ASP B 129 -6.19 -12.22 10.88
CA ASP B 129 -4.94 -12.02 11.62
C ASP B 129 -4.28 -10.70 11.27
N MET B 130 -4.30 -10.32 9.98
CA MET B 130 -3.71 -9.06 9.58
C MET B 130 -4.44 -7.87 10.19
N LEU B 131 -5.78 -7.92 10.21
CA LEU B 131 -6.53 -6.86 10.87
C LEU B 131 -6.21 -6.78 12.36
N LEU B 132 -6.13 -7.93 13.03
CA LEU B 132 -5.75 -7.95 14.44
C LEU B 132 -4.38 -7.32 14.66
N ALA B 133 -3.41 -7.68 13.81
CA ALA B 133 -2.07 -7.11 13.92
C ALA B 133 -2.11 -5.61 13.75
N THR B 134 -2.97 -5.11 12.85
CA THR B 134 -3.10 -3.67 12.68
C THR B 134 -3.70 -3.02 13.90
N SER B 135 -4.72 -3.65 14.49
CA SER B 135 -5.32 -3.10 15.70
C SER B 135 -4.31 -3.10 16.85
N SER B 136 -3.54 -4.17 16.97
CA SER B 136 -2.49 -4.23 17.97
C SER B 136 -1.44 -3.14 17.74
N ARG B 137 -1.11 -2.84 16.48
CA ARG B 137 -0.14 -1.79 16.22
C ARG B 137 -0.69 -0.41 16.59
N PHE B 138 -1.97 -0.16 16.30
CA PHE B 138 -2.59 1.11 16.70
C PHE B 138 -2.59 1.26 18.21
N ARG B 139 -2.85 0.16 18.92
CA ARG B 139 -2.88 0.19 20.38
C ARG B 139 -1.48 0.49 20.93
N MET B 140 -0.45 -0.19 20.43
CA MET B 140 0.89 0.08 20.94
C MET B 140 1.35 1.49 20.58
N MET B 141 0.91 2.03 19.44
CA MET B 141 1.16 3.44 19.13
C MET B 141 0.24 4.38 19.88
N ASN B 142 -0.82 3.87 20.51
CA ASN B 142 -1.80 4.71 21.19
C ASN B 142 -2.40 5.73 20.21
N LEU B 143 -2.84 5.23 19.05
CA LEU B 143 -3.45 6.10 18.04
C LEU B 143 -4.62 6.90 18.61
N GLN B 144 -4.64 8.20 18.32
CA GLN B 144 -5.67 9.10 18.82
C GLN B 144 -6.78 9.26 17.81
N GLY B 145 -8.00 9.51 18.30
CA GLY B 145 -9.14 9.69 17.42
C GLY B 145 -8.91 10.78 16.38
N GLU B 146 -8.23 11.86 16.76
CA GLU B 146 -7.94 12.92 15.80
C GLU B 146 -7.01 12.41 14.71
N GLU B 147 -6.08 11.55 15.06
CA GLU B 147 -5.16 11.01 14.07
C GLU B 147 -5.85 10.01 13.17
N PHE B 148 -6.78 9.24 13.73
CA PHE B 148 -7.51 8.25 12.95
C PHE B 148 -8.32 8.90 11.83
N VAL B 149 -9.09 9.95 12.15
CA VAL B 149 -9.89 10.54 11.09
C VAL B 149 -9.01 11.17 10.01
N CYS B 150 -7.86 11.73 10.40
CA CYS B 150 -6.89 12.21 9.41
C CYS B 150 -6.43 11.07 8.49
N LEU B 151 -6.05 9.93 9.07
CA LEU B 151 -5.58 8.81 8.26
C LEU B 151 -6.66 8.32 7.30
N LYS B 152 -7.90 8.27 7.78
CA LYS B 152 -8.98 7.73 6.95
C LYS B 152 -9.22 8.63 5.75
N SER B 153 -9.15 9.95 5.95
CA SER B 153 -9.29 10.87 4.85
C SER B 153 -8.12 10.79 3.89
N ILE B 154 -6.91 10.55 4.41
CA ILE B 154 -5.76 10.34 3.53
C ILE B 154 -6.00 9.14 2.62
N ILE B 155 -6.54 8.05 3.17
CA ILE B 155 -6.81 6.87 2.34
C ILE B 155 -7.76 7.23 1.20
N LEU B 156 -8.84 7.94 1.52
CA LEU B 156 -9.80 8.33 0.50
C LEU B 156 -9.13 9.12 -0.63
N LEU B 157 -8.32 10.12 -0.27
CA LEU B 157 -7.75 10.96 -1.31
C LEU B 157 -6.53 10.34 -1.99
N ASN B 158 -5.80 9.49 -1.29
CA ASN B 158 -4.53 8.97 -1.82
C ASN B 158 -4.67 7.70 -2.66
N SER B 159 -5.57 6.79 -2.28
CA SER B 159 -5.47 5.43 -2.80
C SER B 159 -5.75 5.35 -4.30
N GLY B 160 -6.61 6.22 -4.82
CA GLY B 160 -6.87 6.23 -6.24
C GLY B 160 -6.17 7.30 -7.04
N VAL B 161 -5.44 8.22 -6.40
CA VAL B 161 -4.95 9.42 -7.09
C VAL B 161 -3.89 9.07 -8.12
N TYR B 162 -3.09 8.02 -7.89
CA TYR B 162 -2.02 7.69 -8.81
C TYR B 162 -2.52 6.91 -10.02
N THR B 163 -3.80 6.56 -10.05
CA THR B 163 -4.41 5.95 -11.22
C THR B 163 -5.39 6.90 -11.92
N PHE B 164 -5.21 8.20 -11.73
CA PHE B 164 -5.94 9.20 -12.53
C PHE B 164 -5.31 9.37 -13.91
N SER B 167 -3.35 13.20 -18.61
CA SER B 167 -4.15 13.32 -19.82
C SER B 167 -4.25 14.77 -20.27
N THR B 168 -4.43 15.68 -19.30
CA THR B 168 -4.84 17.04 -19.57
C THR B 168 -4.15 17.98 -18.60
N LEU B 169 -3.90 19.20 -19.07
CA LEU B 169 -3.37 20.22 -18.18
C LEU B 169 -4.33 20.50 -17.03
N LYS B 170 -5.63 20.52 -17.31
CA LYS B 170 -6.61 20.68 -16.25
C LYS B 170 -6.68 19.42 -15.39
N SER B 171 -6.40 18.26 -15.98
CA SER B 171 -6.38 17.03 -15.19
C SER B 171 -5.33 17.12 -14.10
N LEU B 172 -4.21 17.78 -14.39
CA LEU B 172 -3.19 18.02 -13.37
C LEU B 172 -3.70 18.93 -12.26
N GLU B 173 -4.63 19.84 -12.58
CA GLU B 173 -5.21 20.69 -11.55
C GLU B 173 -5.98 19.88 -10.54
N GLU B 174 -6.68 18.84 -11.00
CA GLU B 174 -7.43 17.98 -10.10
C GLU B 174 -6.50 17.23 -9.17
N LYS B 175 -5.49 16.55 -9.73
CA LYS B 175 -4.51 15.87 -8.89
C LYS B 175 -3.78 16.85 -7.99
N ASP B 176 -3.39 18.00 -8.53
CA ASP B 176 -2.68 18.98 -7.72
C ASP B 176 -3.54 19.46 -6.56
N HIS B 177 -4.84 19.65 -6.81
CA HIS B 177 -5.75 20.02 -5.72
C HIS B 177 -5.83 18.92 -4.67
N ILE B 178 -5.95 17.67 -5.11
CA ILE B 178 -5.95 16.54 -4.18
C ILE B 178 -4.66 16.49 -3.38
N HIS B 179 -3.53 16.70 -4.05
CA HIS B 179 -2.26 16.69 -3.33
C HIS B 179 -2.14 17.87 -2.37
N ARG B 180 -2.76 19.01 -2.68
CA ARG B 180 -2.73 20.12 -1.75
C ARG B 180 -3.58 19.82 -0.51
N VAL B 181 -4.72 19.15 -0.72
CA VAL B 181 -5.53 18.72 0.41
C VAL B 181 -4.78 17.70 1.25
N LEU B 182 -4.17 16.70 0.60
CA LEU B 182 -3.34 15.75 1.32
C LEU B 182 -2.27 16.49 2.13
N ASP B 183 -1.59 17.44 1.48
CA ASP B 183 -0.61 18.26 2.18
C ASP B 183 -1.23 18.94 3.40
N LYS B 184 -2.48 19.42 3.28
CA LYS B 184 -3.10 20.06 4.43
C LYS B 184 -3.35 19.05 5.55
N ILE B 185 -3.71 17.81 5.20
CA ILE B 185 -3.90 16.81 6.25
C ILE B 185 -2.58 16.46 6.91
N THR B 186 -1.48 16.42 6.14
CA THR B 186 -0.17 16.23 6.75
C THR B 186 0.12 17.33 7.75
N ASP B 187 -0.09 18.59 7.34
CA ASP B 187 0.00 19.73 8.27
C ASP B 187 -0.83 19.48 9.53
N THR B 188 -2.01 18.91 9.37
CA THR B 188 -2.90 18.73 10.51
C THR B 188 -2.37 17.66 11.46
N LEU B 189 -1.84 16.57 10.91
CA LEU B 189 -1.25 15.51 11.75
C LEU B 189 -0.07 16.04 12.56
N ILE B 190 0.81 16.79 11.92
CA ILE B 190 1.96 17.36 12.62
C ILE B 190 1.49 18.30 13.72
N HIS B 191 0.49 19.13 13.43
CA HIS B 191 -0.07 20.03 14.43
C HIS B 191 -0.53 19.26 15.68
N LEU B 192 -1.25 18.15 15.48
CA LEU B 192 -1.75 17.39 16.61
C LEU B 192 -0.61 16.80 17.45
N MET B 193 0.45 16.35 16.79
CA MET B 193 1.56 15.73 17.49
C MET B 193 2.38 16.75 18.26
N ALA B 194 2.59 17.92 17.68
CA ALA B 194 3.29 18.98 18.38
C ALA B 194 2.48 19.46 19.57
N LYS B 195 1.16 19.49 19.44
CA LYS B 195 0.31 19.86 20.57
C LYS B 195 0.39 18.83 21.69
N ALA B 196 0.62 17.56 21.34
CA ALA B 196 0.77 16.50 22.33
C ALA B 196 2.16 16.47 22.97
N GLY B 197 3.02 17.42 22.66
CA GLY B 197 4.31 17.53 23.31
C GLY B 197 5.47 16.83 22.62
N LEU B 198 5.24 16.17 21.48
CA LEU B 198 6.31 15.46 20.81
C LEU B 198 7.35 16.45 20.27
N THR B 199 8.63 16.07 20.36
CA THR B 199 9.67 16.88 19.72
C THR B 199 9.52 16.81 18.21
N LEU B 200 10.24 17.70 17.52
CA LEU B 200 10.27 17.66 16.06
C LEU B 200 10.63 16.28 15.56
N GLN B 201 11.69 15.69 16.12
CA GLN B 201 12.10 14.35 15.71
C GLN B 201 10.96 13.35 15.89
N GLN B 202 10.35 13.36 17.07
CA GLN B 202 9.27 12.41 17.37
C GLN B 202 8.06 12.65 16.46
N GLN B 203 7.80 13.90 16.07
CA GLN B 203 6.69 14.16 15.17
C GLN B 203 6.90 13.48 13.82
N HIS B 204 8.05 13.70 13.21
CA HIS B 204 8.31 13.11 11.91
C HIS B 204 8.34 11.59 12.01
N GLN B 205 8.86 11.06 13.11
CA GLN B 205 8.89 9.60 13.27
C GLN B 205 7.49 9.04 13.32
N ARG B 206 6.61 9.66 14.11
CA ARG B 206 5.25 9.16 14.27
C ARG B 206 4.43 9.35 12.98
N LEU B 207 4.60 10.47 12.31
CA LEU B 207 3.99 10.65 10.99
C LEU B 207 4.37 9.51 10.05
N ALA B 208 5.66 9.17 10.00
CA ALA B 208 6.06 8.09 9.12
C ALA B 208 5.45 6.77 9.55
N GLN B 209 5.49 6.50 10.87
CA GLN B 209 4.91 5.27 11.39
C GLN B 209 3.45 5.13 11.00
N LEU B 210 2.70 6.22 11.08
CA LEU B 210 1.27 6.19 10.73
C LEU B 210 1.07 5.97 9.24
N LEU B 211 1.83 6.67 8.39
CA LEU B 211 1.63 6.49 6.95
C LEU B 211 2.09 5.15 6.46
N LEU B 212 3.11 4.55 7.13
CA LEU B 212 3.54 3.21 6.72
C LEU B 212 2.47 2.17 7.02
N ILE B 213 1.63 2.40 8.02
CA ILE B 213 0.53 1.48 8.27
C ILE B 213 -0.44 1.45 7.09
N LEU B 214 -0.54 2.57 6.36
CA LEU B 214 -1.41 2.59 5.19
C LEU B 214 -0.97 1.62 4.12
N SER B 215 0.34 1.30 4.06
CA SER B 215 0.77 0.26 3.13
C SER B 215 0.19 -1.08 3.52
N HIS B 216 0.14 -1.38 4.81
CA HIS B 216 -0.47 -2.64 5.27
CA HIS B 216 -0.47 -2.64 5.26
C HIS B 216 -1.98 -2.64 5.05
N ILE B 217 -2.62 -1.48 5.21
CA ILE B 217 -4.07 -1.45 4.97
C ILE B 217 -4.36 -1.67 3.50
N ARG B 218 -3.53 -1.08 2.61
CA ARG B 218 -3.67 -1.40 1.19
C ARG B 218 -3.57 -2.90 0.96
N HIS B 219 -2.55 -3.52 1.57
CA HIS B 219 -2.34 -4.95 1.37
C HIS B 219 -3.57 -5.75 1.80
N MET B 220 -4.11 -5.42 2.97
CA MET B 220 -5.28 -6.15 3.46
C MET B 220 -6.47 -5.96 2.54
N SER B 221 -6.66 -4.74 2.05
CA SER B 221 -7.74 -4.50 1.10
C SER B 221 -7.56 -5.30 -0.18
N ASN B 222 -6.33 -5.36 -0.72
CA ASN B 222 -6.09 -6.16 -1.92
C ASN B 222 -6.45 -7.62 -1.67
N LYS B 223 -6.01 -8.16 -0.53
CA LYS B 223 -6.34 -9.53 -0.20
C LYS B 223 -7.84 -9.70 0.02
N GLY B 224 -8.47 -8.76 0.73
CA GLY B 224 -9.91 -8.84 0.95
C GLY B 224 -10.71 -8.79 -0.33
N MET B 225 -10.22 -8.04 -1.32
CA MET B 225 -10.93 -7.93 -2.60
C MET B 225 -10.85 -9.25 -3.36
N GLU B 226 -9.69 -9.90 -3.36
CA GLU B 226 -9.61 -11.24 -3.93
C GLU B 226 -10.53 -12.22 -3.21
N HIS B 227 -10.60 -12.12 -1.89
CA HIS B 227 -11.51 -13.00 -1.15
C HIS B 227 -12.96 -12.69 -1.49
N LEU B 228 -13.31 -11.40 -1.61
CA LEU B 228 -14.66 -11.02 -2.03
C LEU B 228 -15.00 -11.59 -3.40
N TYR B 229 -14.09 -11.46 -4.36
CA TYR B 229 -14.32 -12.04 -5.68
C TYR B 229 -14.51 -13.54 -5.58
N SER B 230 -13.76 -14.20 -4.69
CA SER B 230 -13.93 -15.63 -4.48
C SER B 230 -15.32 -15.95 -3.97
N MET B 231 -15.85 -15.15 -3.04
CA MET B 231 -17.20 -15.38 -2.54
C MET B 231 -18.22 -15.21 -3.65
N LYS B 232 -18.03 -14.21 -4.51
CA LYS B 232 -18.94 -13.99 -5.63
C LYS B 232 -19.01 -15.23 -6.52
N CYS B 233 -17.84 -15.76 -6.87
CA CYS B 233 -17.77 -16.94 -7.72
C CYS B 233 -18.46 -18.15 -7.10
N LYS B 234 -18.27 -18.34 -5.80
CA LYS B 234 -18.86 -19.47 -5.10
C LYS B 234 -20.37 -19.34 -5.00
N ASN B 235 -20.84 -18.09 -5.04
CA ASN B 235 -22.27 -17.78 -5.09
C ASN B 235 -23.03 -18.50 -3.96
N VAL B 236 -22.50 -18.38 -2.75
CA VAL B 236 -23.12 -18.94 -1.56
C VAL B 236 -23.52 -17.84 -0.59
N VAL B 237 -22.63 -16.90 -0.32
CA VAL B 237 -22.95 -15.75 0.53
C VAL B 237 -23.69 -14.71 -0.31
N PRO B 238 -24.79 -14.15 0.16
CA PRO B 238 -25.44 -13.07 -0.58
C PRO B 238 -24.58 -11.81 -0.58
N LEU B 239 -24.37 -11.24 -1.76
CA LEU B 239 -23.65 -9.99 -1.92
C LEU B 239 -24.61 -8.96 -2.53
N SER B 240 -24.64 -7.76 -1.95
CA SER B 240 -25.56 -6.73 -2.42
C SER B 240 -25.15 -6.19 -3.78
N ASP B 241 -26.09 -5.54 -4.44
CA ASP B 241 -25.81 -4.96 -5.76
C ASP B 241 -24.71 -3.92 -5.68
N LEU B 242 -24.70 -3.12 -4.61
CA LEU B 242 -23.62 -2.13 -4.48
C LEU B 242 -22.28 -2.80 -4.25
N LEU B 243 -22.22 -3.79 -3.37
CA LEU B 243 -20.97 -4.52 -3.14
C LEU B 243 -20.46 -5.13 -4.44
N LEU B 244 -21.35 -5.67 -5.26
CA LEU B 244 -20.93 -6.29 -6.51
C LEU B 244 -20.41 -5.24 -7.48
N GLU B 245 -21.02 -4.05 -7.51
CA GLU B 245 -20.51 -2.99 -8.36
C GLU B 245 -19.15 -2.50 -7.89
N MET B 246 -18.99 -2.30 -6.58
CA MET B 246 -17.67 -1.94 -6.04
C MET B 246 -16.64 -3.01 -6.35
N LEU B 247 -17.02 -4.28 -6.20
CA LEU B 247 -16.08 -5.35 -6.50
C LEU B 247 -15.70 -5.36 -7.96
N ASP B 248 -16.68 -5.19 -8.86
CA ASP B 248 -16.38 -5.22 -10.29
C ASP B 248 -15.47 -4.07 -10.69
N ALA B 249 -15.54 -2.94 -9.99
CA ALA B 249 -14.67 -1.82 -10.33
C ALA B 249 -13.20 -2.16 -10.16
N HIS B 250 -12.88 -3.16 -9.31
CA HIS B 250 -11.49 -3.54 -9.08
C HIS B 250 -10.99 -4.60 -10.05
N ARG B 251 -11.86 -5.48 -10.53
CA ARG B 251 -11.47 -6.46 -11.52
C ARG B 251 -11.55 -5.91 -12.94
N LEU B 252 -11.48 -4.60 -13.11
CA LEU B 252 -11.52 -3.98 -14.44
C LEU B 252 -10.17 -4.13 -15.13
N HIS C 2 13.23 -26.52 3.27
CA HIS C 2 14.29 -26.10 2.38
C HIS C 2 13.84 -24.92 1.52
N LYS C 3 14.71 -23.92 1.37
CA LYS C 3 14.41 -22.77 0.51
C LYS C 3 15.67 -22.28 -0.17
N ILE C 4 15.56 -21.94 -1.45
CA ILE C 4 16.67 -21.31 -2.13
C ILE C 4 17.03 -20.01 -1.42
N LEU C 5 16.02 -19.26 -0.99
CA LEU C 5 16.25 -18.02 -0.27
C LEU C 5 17.15 -18.24 0.94
N HIS C 6 16.96 -19.35 1.66
CA HIS C 6 17.83 -19.69 2.79
C HIS C 6 19.29 -19.75 2.37
N ARG C 7 19.58 -20.45 1.27
CA ARG C 7 20.96 -20.59 0.83
C ARG C 7 21.53 -19.24 0.42
N LEU C 8 20.76 -18.46 -0.35
CA LEU C 8 21.28 -17.19 -0.85
C LEU C 8 21.57 -16.24 0.30
N LEU C 9 20.72 -16.27 1.33
CA LEU C 9 20.93 -15.41 2.49
C LEU C 9 22.13 -15.85 3.33
N GLN C 10 22.42 -17.14 3.38
CA GLN C 10 23.56 -17.61 4.16
C GLN C 10 24.88 -17.47 3.40
N ASP C 11 24.83 -17.49 2.07
CA ASP C 11 26.02 -17.40 1.21
C ASP C 11 26.38 -15.93 0.95
N SER C 12 27.48 -15.72 0.24
CA SER C 12 27.94 -14.37 -0.09
C SER C 12 27.68 -14.01 -1.55
N HIS D 2 -25.35 5.18 -14.29
CA HIS D 2 -25.71 3.77 -14.21
C HIS D 2 -25.31 3.15 -12.86
N LYS D 3 -24.09 3.44 -12.41
CA LYS D 3 -23.61 2.87 -11.16
C LYS D 3 -24.40 3.40 -9.97
N ILE D 4 -24.72 2.48 -9.04
CA ILE D 4 -25.34 2.86 -7.77
C ILE D 4 -24.51 3.92 -7.07
N LEU D 5 -23.19 3.75 -7.07
CA LEU D 5 -22.30 4.70 -6.41
C LEU D 5 -22.45 6.09 -7.01
N HIS D 6 -22.57 6.16 -8.34
CA HIS D 6 -22.86 7.42 -9.00
C HIS D 6 -24.14 8.03 -8.46
N ARG D 7 -25.20 7.23 -8.31
CA ARG D 7 -26.49 7.77 -7.86
C ARG D 7 -26.41 8.24 -6.41
N LEU D 8 -25.77 7.45 -5.55
CA LEU D 8 -25.66 7.83 -4.14
C LEU D 8 -24.81 9.09 -3.98
N LEU D 9 -23.79 9.23 -4.83
CA LEU D 9 -22.99 10.45 -4.83
C LEU D 9 -23.80 11.62 -5.38
N GLN D 10 -24.69 11.36 -6.34
CA GLN D 10 -25.57 12.39 -6.90
C GLN D 10 -26.68 12.78 -5.94
N ASP D 11 -27.32 11.80 -5.30
CA ASP D 11 -28.58 12.01 -4.61
C ASP D 11 -28.49 13.15 -3.60
N SER D 12 -29.56 13.94 -3.54
CA SER D 12 -29.62 15.12 -2.69
C SER D 12 -30.93 15.14 -1.90
#